data_7G8C
#
_entry.id   7G8C
#
_cell.length_a   71.758
_cell.length_b   71.758
_cell.length_c   196.960
_cell.angle_alpha   90.000
_cell.angle_beta   90.000
_cell.angle_gamma   90.000
#
_symmetry.space_group_name_H-M   'P 43 21 2'
#
loop_
_entity.id
_entity.type
_entity.pdbx_description
1 polymer 'Transforming protein RhoA'
2 polymer 'Rho guanine nucleotide exchange factor 2'
3 non-polymer 1-(difluoromethyl)-1H-indol-5-amine
4 non-polymer 'DIMETHYL SULFOXIDE'
5 non-polymer 'FORMIC ACID'
6 water water
#
loop_
_entity_poly.entity_id
_entity_poly.type
_entity_poly.pdbx_seq_one_letter_code
_entity_poly.pdbx_strand_id
1 'polypeptide(L)'
;SMAAIRKKLVIVGDGACGKTCLLIVFSKDQFPEVYVPTVFENYVADIEVDGKQVELALWDTAGQEDYDRLRPLSYPDTDV
ILMCFSIDSPDSLENIPEKWTPEVKHFCPNVPIILVGNKKDLRNDEHTRRELAKMKQEPVKPEEGRDMANRIGAFGYMEC
SAKTKDGVREVFEMATRAALQARRG
;
A
2 'polypeptide(L)'
;SMEMDEKDFAADSWSLAVDSSFLQQHKKEVMKQQDVIYELIQTELHHVRTLKIMTRLFRTGMLEELHLEPGVVQGLFPCV
DELSDIHTRFLSQLLERRRQALCPGSTRNFVIHRLGDLLISQFSGPSAEQMCKTYSEFCSRHSKALKLYKELYARDKRFQ
QFIRKVTRPAVLKRHGVQECILLVTQRITKYPLLISRILQHSHGIEEERQDLTTALGLVKELLSNVDEGIYQLEKGARLQ
EIYNR
;
B
#
# COMPACT_ATOMS: atom_id res chain seq x y z
N ALA A 4 -24.72 0.38 6.74
CA ALA A 4 -23.30 0.24 7.08
C ALA A 4 -22.58 1.57 7.00
N ILE A 5 -22.15 2.09 8.14
CA ILE A 5 -21.40 3.33 8.17
C ILE A 5 -19.95 3.04 7.67
N ARG A 6 -19.28 4.04 7.10
CA ARG A 6 -17.92 3.89 6.63
C ARG A 6 -16.96 4.45 7.69
N LYS A 7 -15.94 3.68 8.05
CA LYS A 7 -14.89 4.08 9.00
C LYS A 7 -13.52 3.83 8.37
N LYS A 8 -12.46 4.51 8.82
CA LYS A 8 -11.12 4.36 8.25
C LYS A 8 -10.08 3.95 9.29
N LEU A 9 -9.28 2.95 8.97
CA LEU A 9 -8.25 2.44 9.87
C LEU A 9 -6.89 2.58 9.20
N VAL A 10 -5.90 3.07 9.95
CA VAL A 10 -4.53 3.20 9.47
C VAL A 10 -3.62 2.46 10.45
N ILE A 11 -2.73 1.60 9.94
CA ILE A 11 -1.79 0.88 10.79
CA ILE A 11 -1.79 0.89 10.79
C ILE A 11 -0.44 1.58 10.75
N VAL A 12 0.13 1.88 11.90
CA VAL A 12 1.43 2.55 11.99
CA VAL A 12 1.42 2.55 12.00
C VAL A 12 2.43 1.68 12.77
N GLY A 13 3.72 1.97 12.64
CA GLY A 13 4.76 1.22 13.33
C GLY A 13 6.02 1.04 12.52
N ASP A 14 7.08 0.52 13.13
CA ASP A 14 8.34 0.29 12.40
C ASP A 14 8.17 -0.70 11.24
N GLY A 15 9.11 -0.67 10.27
CA GLY A 15 9.06 -1.55 9.12
C GLY A 15 8.93 -3.03 9.45
N ALA A 16 9.66 -3.50 10.48
CA ALA A 16 9.61 -4.90 10.86
C ALA A 16 8.61 -5.22 11.95
N CYS A 17 7.61 -4.34 12.18
CA CYS A 17 6.59 -4.64 13.20
C CYS A 17 5.57 -5.70 12.73
N GLY A 18 5.52 -5.99 11.43
CA GLY A 18 4.63 -7.00 10.87
C GLY A 18 3.24 -6.46 10.56
N LYS A 19 3.14 -5.16 10.27
CA LYS A 19 1.84 -4.56 9.98
CA LYS A 19 1.85 -4.54 9.98
C LYS A 19 1.28 -4.95 8.60
N THR A 20 2.17 -5.16 7.60
CA THR A 20 1.69 -5.55 6.27
C THR A 20 1.08 -6.93 6.31
N CYS A 21 1.74 -7.87 6.99
CA CYS A 21 1.24 -9.22 7.15
C CYS A 21 -0.09 -9.30 7.91
N LEU A 22 -0.27 -8.44 8.94
CA LEU A 22 -1.52 -8.44 9.71
C LEU A 22 -2.71 -8.03 8.80
N LEU A 23 -2.52 -7.00 7.97
CA LEU A 23 -3.55 -6.52 7.04
C LEU A 23 -3.89 -7.58 5.98
N ILE A 24 -2.90 -8.30 5.51
CA ILE A 24 -3.09 -9.36 4.52
C ILE A 24 -3.85 -10.56 5.14
N VAL A 25 -3.42 -11.04 6.30
CA VAL A 25 -4.07 -12.19 6.94
C VAL A 25 -5.51 -11.86 7.31
N PHE A 26 -5.77 -10.65 7.83
CA PHE A 26 -7.12 -10.25 8.14
C PHE A 26 -8.00 -10.20 6.86
N SER A 27 -7.53 -9.52 5.80
CA SER A 27 -8.31 -9.35 4.57
C SER A 27 -8.58 -10.64 3.81
N LYS A 28 -7.63 -11.56 3.80
CA LYS A 28 -7.83 -12.86 3.13
C LYS A 28 -8.50 -13.91 4.04
N ASP A 29 -8.46 -13.70 5.38
CA ASP A 29 -8.88 -14.62 6.46
C ASP A 29 -8.12 -15.94 6.29
N GLN A 30 -6.79 -15.84 6.06
CA GLN A 30 -5.93 -16.97 5.75
C GLN A 30 -4.48 -16.49 5.71
N PHE A 31 -3.51 -17.27 6.26
CA PHE A 31 -2.10 -16.92 6.09
C PHE A 31 -1.74 -17.49 4.72
N PRO A 32 -1.39 -16.63 3.74
CA PRO A 32 -1.10 -17.10 2.38
C PRO A 32 -0.24 -18.37 2.25
N GLU A 33 -0.86 -19.41 1.71
CA GLU A 33 -0.23 -20.71 1.55
C GLU A 33 0.86 -20.71 0.48
N VAL A 34 0.56 -20.19 -0.72
CA VAL A 34 1.49 -20.21 -1.83
C VAL A 34 2.45 -18.99 -1.88
N TYR A 35 1.94 -17.78 -1.66
CA TYR A 35 2.75 -16.58 -1.76
C TYR A 35 2.25 -15.51 -0.83
N VAL A 36 3.14 -14.92 -0.03
CA VAL A 36 2.77 -13.82 0.86
C VAL A 36 3.15 -12.55 0.11
N PRO A 37 2.18 -11.66 -0.18
CA PRO A 37 2.51 -10.44 -0.93
C PRO A 37 3.47 -9.52 -0.20
N THR A 38 4.28 -8.84 -0.94
CA THR A 38 5.22 -7.86 -0.43
C THR A 38 4.45 -6.61 0.03
N VAL A 39 3.39 -6.22 -0.71
CA VAL A 39 2.68 -5.00 -0.43
C VAL A 39 1.17 -5.18 -0.27
N PHE A 40 0.54 -4.25 0.43
CA PHE A 40 -0.88 -4.18 0.64
C PHE A 40 -1.35 -2.88 -0.01
N GLU A 41 -2.33 -2.94 -0.92
CA GLU A 41 -2.83 -1.72 -1.56
C GLU A 41 -3.88 -1.06 -0.63
N ASN A 42 -5.07 -1.63 -0.51
CA ASN A 42 -6.16 -1.19 0.37
C ASN A 42 -7.24 -2.27 0.39
N TYR A 43 -8.20 -2.13 1.30
CA TYR A 43 -9.27 -3.11 1.43
C TYR A 43 -10.44 -2.48 2.18
N VAL A 44 -11.67 -2.82 1.82
CA VAL A 44 -12.84 -2.37 2.55
C VAL A 44 -13.48 -3.64 3.17
N ALA A 45 -13.34 -3.79 4.49
CA ALA A 45 -13.85 -4.97 5.21
C ALA A 45 -15.28 -4.78 5.66
N ASP A 46 -16.09 -5.83 5.55
CA ASP A 46 -17.47 -5.78 6.02
C ASP A 46 -17.40 -6.43 7.38
N ILE A 47 -17.59 -5.64 8.45
CA ILE A 47 -17.49 -6.13 9.82
CA ILE A 47 -17.53 -6.19 9.78
C ILE A 47 -18.77 -5.87 10.60
N GLU A 48 -19.26 -6.86 11.35
CA GLU A 48 -20.43 -6.66 12.20
CA GLU A 48 -20.42 -6.66 12.20
C GLU A 48 -19.97 -6.86 13.65
N VAL A 49 -19.95 -5.78 14.44
CA VAL A 49 -19.50 -5.88 15.82
C VAL A 49 -20.59 -5.37 16.75
N ASP A 50 -21.02 -6.23 17.69
CA ASP A 50 -22.04 -5.91 18.67
C ASP A 50 -23.40 -5.53 18.03
N GLY A 51 -23.68 -6.14 16.87
CA GLY A 51 -24.92 -5.90 16.13
C GLY A 51 -24.89 -4.66 15.25
N LYS A 52 -23.69 -4.10 14.99
CA LYS A 52 -23.56 -2.91 14.15
C LYS A 52 -22.74 -3.21 12.93
N GLN A 53 -23.32 -3.01 11.75
CA GLN A 53 -22.61 -3.26 10.50
CA GLN A 53 -22.63 -3.26 10.48
C GLN A 53 -21.75 -2.05 10.10
N VAL A 54 -20.45 -2.28 9.87
CA VAL A 54 -19.50 -1.25 9.47
C VAL A 54 -18.67 -1.65 8.23
N GLU A 55 -18.35 -0.68 7.37
CA GLU A 55 -17.47 -0.85 6.22
C GLU A 55 -16.14 -0.22 6.66
N LEU A 56 -15.15 -1.05 7.05
CA LEU A 56 -13.87 -0.55 7.55
C LEU A 56 -12.79 -0.53 6.45
N ALA A 57 -12.35 0.66 6.01
CA ALA A 57 -11.28 0.78 5.01
C ALA A 57 -9.91 0.62 5.72
N LEU A 58 -9.08 -0.30 5.24
CA LEU A 58 -7.80 -0.59 5.87
C LEU A 58 -6.67 0.01 5.10
N TRP A 59 -5.76 0.69 5.78
CA TRP A 59 -4.59 1.28 5.11
C TRP A 59 -3.29 0.94 5.83
N ASP A 60 -2.22 0.84 5.05
CA ASP A 60 -0.88 0.56 5.52
C ASP A 60 0.00 1.81 5.37
N THR A 61 1.07 1.90 6.17
CA THR A 61 2.04 2.97 6.05
C THR A 61 3.44 2.45 5.66
N ALA A 62 3.60 1.14 5.42
CA ALA A 62 4.83 0.50 4.98
C ALA A 62 5.36 1.19 3.72
N GLY A 63 6.66 1.51 3.75
CA GLY A 63 7.32 2.27 2.71
C GLY A 63 7.38 3.77 2.99
N GLN A 64 6.55 4.27 3.92
CA GLN A 64 6.50 5.70 4.22
C GLN A 64 7.33 6.13 5.44
N GLU A 65 8.00 5.19 6.12
CA GLU A 65 8.76 5.48 7.35
C GLU A 65 9.86 6.55 7.19
N ASP A 66 10.63 6.56 6.10
CA ASP A 66 11.71 7.56 5.94
C ASP A 66 11.26 8.89 5.34
N TYR A 67 9.98 9.01 4.94
CA TYR A 67 9.51 10.21 4.25
C TYR A 67 8.49 10.96 5.05
N ASP A 68 8.97 11.91 5.87
CA ASP A 68 8.14 12.64 6.83
C ASP A 68 7.08 13.56 6.23
N ARG A 69 7.21 13.95 4.96
CA ARG A 69 6.17 14.76 4.33
C ARG A 69 5.21 13.94 3.45
N LEU A 70 5.61 12.73 3.02
CA LEU A 70 4.71 11.87 2.25
C LEU A 70 3.79 11.13 3.23
N ARG A 71 4.37 10.59 4.33
CA ARG A 71 3.68 9.78 5.33
C ARG A 71 2.39 10.39 5.93
N PRO A 72 2.36 11.67 6.37
CA PRO A 72 1.12 12.24 6.93
C PRO A 72 -0.06 12.32 5.98
N LEU A 73 0.17 12.12 4.67
CA LEU A 73 -0.92 12.10 3.70
C LEU A 73 -1.85 10.89 3.87
N SER A 74 -1.39 9.84 4.59
CA SER A 74 -2.21 8.69 4.91
C SER A 74 -3.18 8.97 6.09
N TYR A 75 -2.94 10.01 6.89
CA TYR A 75 -3.73 10.28 8.09
C TYR A 75 -5.08 10.97 7.96
N PRO A 76 -5.35 11.91 7.03
CA PRO A 76 -6.67 12.59 7.03
C PRO A 76 -7.91 11.70 7.19
N ASP A 77 -8.80 12.08 8.13
CA ASP A 77 -10.09 11.44 8.39
C ASP A 77 -10.00 10.02 8.92
N THR A 78 -8.88 9.69 9.58
CA THR A 78 -8.72 8.37 10.17
C THR A 78 -9.66 8.26 11.40
N ASP A 79 -10.33 7.10 11.55
CA ASP A 79 -11.25 6.91 12.66
C ASP A 79 -10.63 6.06 13.79
N VAL A 80 -9.62 5.24 13.49
CA VAL A 80 -8.92 4.42 14.48
C VAL A 80 -7.47 4.14 14.02
N ILE A 81 -6.51 4.15 14.95
CA ILE A 81 -5.10 3.87 14.61
C ILE A 81 -4.64 2.55 15.24
N LEU A 82 -4.08 1.62 14.46
CA LEU A 82 -3.49 0.41 15.03
C LEU A 82 -2.00 0.69 15.15
N MET A 83 -1.51 0.93 16.36
CA MET A 83 -0.09 1.20 16.58
CA MET A 83 -0.10 1.21 16.62
C MET A 83 0.58 -0.12 16.89
N CYS A 84 1.34 -0.61 15.93
CA CYS A 84 1.94 -1.92 16.00
CA CYS A 84 1.95 -1.93 16.01
C CYS A 84 3.41 -1.92 16.44
N PHE A 85 3.83 -3.03 17.07
CA PHE A 85 5.20 -3.35 17.47
C PHE A 85 5.31 -4.89 17.41
N SER A 86 6.53 -5.39 17.31
CA SER A 86 6.73 -6.83 17.25
C SER A 86 7.14 -7.36 18.62
N ILE A 87 6.54 -8.46 19.05
CA ILE A 87 6.88 -9.06 20.35
C ILE A 87 8.31 -9.64 20.36
N ASP A 88 8.84 -10.05 19.18
CA ASP A 88 10.22 -10.53 19.09
C ASP A 88 11.25 -9.37 18.98
N SER A 89 10.80 -8.12 19.06
CA SER A 89 11.65 -6.94 18.92
C SER A 89 11.39 -5.89 20.01
N PRO A 90 12.14 -5.95 21.12
CA PRO A 90 12.00 -4.92 22.16
C PRO A 90 12.31 -3.50 21.67
N ASP A 91 13.12 -3.36 20.62
CA ASP A 91 13.50 -2.08 20.02
C ASP A 91 12.32 -1.37 19.35
N SER A 92 11.43 -2.13 18.65
CA SER A 92 10.25 -1.53 18.04
C SER A 92 9.26 -0.97 19.08
N LEU A 93 9.34 -1.46 20.34
CA LEU A 93 8.48 -0.98 21.44
C LEU A 93 8.97 0.36 21.98
N GLU A 94 10.30 0.59 21.95
CA GLU A 94 10.98 1.80 22.39
C GLU A 94 10.61 3.00 21.51
N ASN A 95 10.43 2.77 20.22
CA ASN A 95 10.08 3.81 19.26
C ASN A 95 8.62 4.32 19.34
N ILE A 96 7.76 3.58 20.07
CA ILE A 96 6.35 3.91 20.23
C ILE A 96 6.15 5.26 20.94
N PRO A 97 6.63 5.50 22.19
CA PRO A 97 6.38 6.81 22.82
C PRO A 97 7.23 7.96 22.26
N GLU A 98 8.35 7.66 21.61
CA GLU A 98 9.24 8.69 21.09
C GLU A 98 8.84 9.26 19.71
N LYS A 99 8.67 8.37 18.72
CA LYS A 99 8.39 8.83 17.37
C LYS A 99 6.93 8.72 16.94
N TRP A 100 6.34 7.53 17.04
CA TRP A 100 5.02 7.28 16.54
C TRP A 100 3.88 7.92 17.33
N THR A 101 3.91 7.89 18.66
CA THR A 101 2.81 8.45 19.44
C THR A 101 2.69 9.97 19.23
N PRO A 102 3.77 10.77 19.31
CA PRO A 102 3.61 12.22 19.08
C PRO A 102 3.14 12.56 17.68
N GLU A 103 3.56 11.78 16.65
CA GLU A 103 3.12 12.01 15.29
C GLU A 103 1.62 11.72 15.12
N VAL A 104 1.16 10.55 15.60
CA VAL A 104 -0.23 10.17 15.50
C VAL A 104 -1.14 11.11 16.31
N LYS A 105 -0.67 11.64 17.47
CA LYS A 105 -1.49 12.57 18.24
C LYS A 105 -1.56 13.97 17.62
N HIS A 106 -0.55 14.35 16.84
CA HIS A 106 -0.54 15.64 16.15
C HIS A 106 -1.45 15.58 14.90
N PHE A 107 -1.33 14.53 14.06
CA PHE A 107 -2.15 14.44 12.85
C PHE A 107 -3.53 13.84 13.04
N CYS A 108 -3.72 13.11 14.14
CA CYS A 108 -5.00 12.45 14.44
C CYS A 108 -5.42 12.76 15.86
N PRO A 109 -5.67 14.03 16.18
CA PRO A 109 -6.07 14.36 17.55
C PRO A 109 -7.43 13.75 17.89
N ASN A 110 -7.54 13.22 19.11
CA ASN A 110 -8.78 12.63 19.61
C ASN A 110 -9.17 11.30 18.93
N VAL A 111 -8.28 10.70 18.13
CA VAL A 111 -8.55 9.42 17.49
C VAL A 111 -8.09 8.25 18.38
N PRO A 112 -8.95 7.26 18.67
CA PRO A 112 -8.51 6.12 19.51
C PRO A 112 -7.35 5.33 18.90
N ILE A 113 -6.38 4.98 19.74
CA ILE A 113 -5.20 4.21 19.32
C ILE A 113 -5.24 2.85 19.99
N ILE A 114 -5.04 1.77 19.24
CA ILE A 114 -4.92 0.45 19.84
C ILE A 114 -3.47 0.01 19.70
N LEU A 115 -2.79 -0.22 20.84
CA LEU A 115 -1.43 -0.72 20.80
C LEU A 115 -1.54 -2.22 20.56
N VAL A 116 -1.00 -2.69 19.43
CA VAL A 116 -1.05 -4.10 19.10
C VAL A 116 0.36 -4.73 19.13
N GLY A 117 0.50 -5.81 19.91
CA GLY A 117 1.71 -6.61 19.99
C GLY A 117 1.61 -7.74 18.97
N ASN A 118 2.33 -7.64 17.86
CA ASN A 118 2.32 -8.64 16.80
C ASN A 118 3.27 -9.81 17.09
N LYS A 119 3.18 -10.91 16.31
CA LYS A 119 4.09 -12.07 16.40
C LYS A 119 4.19 -12.70 17.80
N LYS A 120 3.06 -12.81 18.52
CA LYS A 120 3.09 -13.39 19.87
C LYS A 120 3.53 -14.86 19.88
N ASP A 121 3.47 -15.54 18.72
CA ASP A 121 3.93 -16.92 18.55
C ASP A 121 5.46 -17.04 18.78
N LEU A 122 6.22 -15.95 18.58
CA LEU A 122 7.66 -15.95 18.77
C LEU A 122 8.06 -15.77 20.25
N ARG A 123 7.12 -15.43 21.13
CA ARG A 123 7.41 -15.28 22.57
C ARG A 123 7.92 -16.59 23.20
N ASN A 124 7.57 -17.75 22.60
CA ASN A 124 8.03 -19.05 23.06
C ASN A 124 8.73 -19.85 21.94
N ASP A 125 9.49 -19.12 21.10
CA ASP A 125 10.26 -19.66 19.99
C ASP A 125 11.73 -19.65 20.45
N GLU A 126 12.39 -20.81 20.42
CA GLU A 126 13.74 -20.93 20.93
C GLU A 126 14.76 -20.17 20.11
N HIS A 127 14.65 -20.19 18.77
CA HIS A 127 15.57 -19.43 17.91
C HIS A 127 15.52 -17.93 18.25
N THR A 128 14.32 -17.41 18.50
CA THR A 128 14.09 -16.02 18.86
C THR A 128 14.75 -15.69 20.20
N ARG A 129 14.57 -16.57 21.20
CA ARG A 129 15.14 -16.38 22.53
C ARG A 129 16.66 -16.40 22.56
N ARG A 130 17.27 -17.27 21.74
CA ARG A 130 18.74 -17.35 21.70
C ARG A 130 19.34 -16.14 20.97
N GLU A 131 18.71 -15.72 19.86
CA GLU A 131 19.18 -14.59 19.06
C GLU A 131 19.16 -13.28 19.85
N LEU A 132 18.08 -13.05 20.62
CA LEU A 132 17.90 -11.84 21.42
C LEU A 132 18.89 -11.76 22.57
N ALA A 133 19.36 -12.90 23.09
CA ALA A 133 20.34 -12.94 24.19
C ALA A 133 21.74 -12.42 23.77
N LYS A 134 22.05 -12.48 22.47
CA LYS A 134 23.32 -11.96 21.96
C LYS A 134 23.39 -10.43 22.09
N MET A 135 22.23 -9.74 22.07
CA MET A 135 22.15 -8.29 22.24
C MET A 135 21.61 -7.89 23.61
N LYS A 136 21.74 -8.79 24.61
CA LYS A 136 21.28 -8.62 26.00
C LYS A 136 19.78 -8.29 26.14
N GLN A 137 18.94 -8.85 25.25
CA GLN A 137 17.49 -8.60 25.25
C GLN A 137 16.66 -9.90 25.39
N GLU A 138 15.33 -9.77 25.50
CA GLU A 138 14.43 -10.92 25.51
C GLU A 138 13.01 -10.52 24.96
N PRO A 139 12.14 -11.49 24.57
CA PRO A 139 10.83 -11.11 24.01
C PRO A 139 10.02 -10.20 24.92
N VAL A 140 9.22 -9.30 24.33
CA VAL A 140 8.38 -8.38 25.09
C VAL A 140 7.36 -9.16 25.91
N LYS A 141 7.29 -8.89 27.21
CA LYS A 141 6.33 -9.57 28.08
C LYS A 141 4.95 -8.92 27.95
N PRO A 142 3.86 -9.69 28.11
CA PRO A 142 2.52 -9.10 28.02
C PRO A 142 2.30 -7.88 28.94
N GLU A 143 2.98 -7.84 30.10
CA GLU A 143 2.82 -6.71 31.02
C GLU A 143 3.62 -5.48 30.58
N GLU A 144 4.72 -5.68 29.86
CA GLU A 144 5.50 -4.58 29.31
C GLU A 144 4.68 -3.87 28.23
N GLY A 145 3.92 -4.63 27.45
CA GLY A 145 3.02 -4.09 26.44
C GLY A 145 1.88 -3.31 27.09
N ARG A 146 1.26 -3.87 28.13
CA ARG A 146 0.18 -3.20 28.85
C ARG A 146 0.66 -1.88 29.45
N ASP A 147 1.86 -1.87 30.03
CA ASP A 147 2.38 -0.65 30.64
C ASP A 147 2.63 0.44 29.64
N MET A 148 3.21 0.10 28.49
CA MET A 148 3.44 1.06 27.42
C MET A 148 2.10 1.60 26.88
N ALA A 149 1.10 0.72 26.72
CA ALA A 149 -0.21 1.13 26.23
C ALA A 149 -0.86 2.10 27.20
N ASN A 150 -0.74 1.85 28.51
CA ASN A 150 -1.26 2.74 29.54
C ASN A 150 -0.52 4.11 29.46
N ARG A 151 0.82 4.09 29.44
CA ARG A 151 1.69 5.27 29.34
C ARG A 151 1.33 6.22 28.15
N ILE A 152 1.09 5.68 26.95
CA ILE A 152 0.77 6.51 25.78
C ILE A 152 -0.73 6.87 25.68
N GLY A 153 -1.55 6.46 26.63
CA GLY A 153 -2.97 6.77 26.63
C GLY A 153 -3.74 6.03 25.54
N ALA A 154 -3.29 4.84 25.18
CA ALA A 154 -3.99 4.02 24.19
C ALA A 154 -5.38 3.65 24.68
N PHE A 155 -6.33 3.49 23.74
CA PHE A 155 -7.69 3.03 24.02
C PHE A 155 -7.62 1.63 24.66
N GLY A 156 -6.74 0.78 24.14
CA GLY A 156 -6.53 -0.56 24.66
C GLY A 156 -5.22 -1.17 24.23
N TYR A 157 -4.95 -2.38 24.73
CA TYR A 157 -3.77 -3.17 24.41
C TYR A 157 -4.24 -4.56 23.97
N MET A 158 -3.75 -5.02 22.83
CA MET A 158 -4.12 -6.33 22.29
C MET A 158 -2.91 -7.04 21.71
N GLU A 159 -2.99 -8.37 21.58
CA GLU A 159 -1.92 -9.19 21.01
C GLU A 159 -2.46 -10.15 19.97
N CYS A 160 -1.65 -10.48 18.97
CA CYS A 160 -2.06 -11.41 17.93
C CYS A 160 -0.87 -12.05 17.23
N SER A 161 -1.14 -13.09 16.45
CA SER A 161 -0.14 -13.81 15.68
C SER A 161 -0.68 -13.94 14.27
N ALA A 162 -0.11 -13.23 13.29
CA ALA A 162 -0.57 -13.34 11.90
C ALA A 162 -0.32 -14.74 11.35
N LYS A 163 0.76 -15.41 11.79
CA LYS A 163 1.15 -16.74 11.40
C LYS A 163 0.01 -17.75 11.64
N THR A 164 -0.54 -17.76 12.85
CA THR A 164 -1.60 -18.69 13.25
C THR A 164 -3.01 -18.09 13.21
N LYS A 165 -3.16 -16.79 12.88
CA LYS A 165 -4.43 -16.06 12.89
C LYS A 165 -5.02 -15.78 14.28
N ASP A 166 -4.39 -16.29 15.37
CA ASP A 166 -4.92 -16.05 16.72
C ASP A 166 -4.94 -14.58 17.12
N GLY A 167 -6.10 -14.14 17.58
CA GLY A 167 -6.30 -12.78 18.04
C GLY A 167 -6.43 -11.73 16.96
N VAL A 168 -6.35 -12.12 15.68
CA VAL A 168 -6.40 -11.20 14.55
C VAL A 168 -7.80 -10.62 14.34
N ARG A 169 -8.83 -11.48 14.29
CA ARG A 169 -10.21 -11.04 14.12
C ARG A 169 -10.62 -10.06 15.26
N GLU A 170 -10.25 -10.40 16.49
CA GLU A 170 -10.58 -9.59 17.66
C GLU A 170 -9.97 -8.20 17.59
N VAL A 171 -8.73 -8.06 17.06
CA VAL A 171 -8.05 -6.77 16.93
C VAL A 171 -8.89 -5.82 16.09
N PHE A 172 -9.29 -6.27 14.89
CA PHE A 172 -10.06 -5.50 13.95
C PHE A 172 -11.50 -5.29 14.39
N GLU A 173 -12.06 -6.22 15.16
CA GLU A 173 -13.42 -6.04 15.70
C GLU A 173 -13.40 -4.97 16.80
N MET A 174 -12.33 -4.93 17.62
CA MET A 174 -12.17 -3.91 18.67
C MET A 174 -11.89 -2.54 18.04
N ALA A 175 -11.11 -2.50 16.94
CA ALA A 175 -10.85 -1.27 16.21
C ALA A 175 -12.17 -0.68 15.69
N THR A 176 -13.09 -1.54 15.23
CA THR A 176 -14.36 -1.09 14.71
C THR A 176 -15.18 -0.47 15.83
N ARG A 177 -15.22 -1.15 16.97
CA ARG A 177 -15.86 -0.66 18.19
C ARG A 177 -15.26 0.72 18.59
N ALA A 178 -13.93 0.85 18.63
CA ALA A 178 -13.29 2.12 18.97
C ALA A 178 -13.63 3.23 17.95
N ALA A 179 -13.62 2.94 16.65
CA ALA A 179 -13.97 3.88 15.57
C ALA A 179 -15.43 4.37 15.69
N LEU A 180 -16.33 3.50 16.21
CA LEU A 180 -17.74 3.81 16.44
C LEU A 180 -17.98 4.71 17.66
N GLN A 181 -17.04 4.77 18.62
CA GLN A 181 -17.24 5.58 19.84
C GLN A 181 -17.12 7.10 19.61
N ALA A 182 -17.65 7.93 20.55
CA ALA A 182 -17.55 9.40 20.48
C ALA A 182 -16.15 9.82 20.98
N SER B 1 -9.10 -1.24 -17.82
CA SER B 1 -8.45 -2.55 -17.88
CA SER B 1 -8.50 -2.57 -17.83
C SER B 1 -9.05 -3.42 -18.97
N MET B 2 -8.20 -4.20 -19.63
CA MET B 2 -8.64 -5.06 -20.72
C MET B 2 -8.63 -6.51 -20.31
N GLU B 3 -9.62 -7.29 -20.79
CA GLU B 3 -9.80 -8.69 -20.45
C GLU B 3 -8.51 -9.51 -20.56
N MET B 4 -7.71 -9.33 -21.65
CA MET B 4 -6.45 -10.04 -21.85
CA MET B 4 -6.46 -10.06 -21.82
C MET B 4 -5.53 -9.89 -20.62
N ASP B 5 -5.28 -8.65 -20.21
CA ASP B 5 -4.40 -8.32 -19.08
C ASP B 5 -4.95 -8.75 -17.75
N GLU B 6 -6.27 -8.63 -17.54
CA GLU B 6 -6.88 -9.06 -16.29
C GLU B 6 -6.75 -10.56 -16.13
N LYS B 7 -6.95 -11.31 -17.22
CA LYS B 7 -6.84 -12.76 -17.18
C LYS B 7 -5.42 -13.19 -16.92
N ASP B 8 -4.44 -12.57 -17.59
CA ASP B 8 -3.02 -12.85 -17.39
C ASP B 8 -2.56 -12.56 -15.97
N PHE B 9 -3.24 -11.66 -15.27
CA PHE B 9 -2.87 -11.29 -13.92
C PHE B 9 -3.96 -11.64 -12.88
N ALA B 10 -4.82 -12.60 -13.18
CA ALA B 10 -5.91 -13.02 -12.26
C ALA B 10 -5.41 -13.87 -11.10
N ALA B 11 -4.36 -14.65 -11.33
CA ALA B 11 -3.80 -15.55 -10.32
C ALA B 11 -3.16 -14.77 -9.16
N ASP B 12 -3.07 -15.39 -7.98
CA ASP B 12 -2.46 -14.75 -6.82
C ASP B 12 -0.93 -14.69 -6.89
N SER B 13 -0.32 -15.50 -7.74
CA SER B 13 1.13 -15.51 -7.88
C SER B 13 1.56 -15.97 -9.27
N TRP B 14 2.86 -15.82 -9.59
CA TRP B 14 3.40 -16.33 -10.83
C TRP B 14 3.30 -17.88 -10.81
N SER B 15 3.58 -18.51 -9.65
CA SER B 15 3.52 -19.96 -9.51
CA SER B 15 3.50 -19.95 -9.48
C SER B 15 2.14 -20.53 -9.86
N LEU B 16 1.08 -19.74 -9.68
CA LEU B 16 -0.27 -20.18 -10.01
C LEU B 16 -0.73 -19.66 -11.40
N ALA B 17 -0.07 -18.64 -11.96
CA ALA B 17 -0.42 -18.12 -13.28
C ALA B 17 0.08 -19.07 -14.37
N VAL B 18 1.34 -19.56 -14.25
CA VAL B 18 1.94 -20.46 -15.24
C VAL B 18 1.40 -21.88 -15.10
N ASP B 19 1.51 -22.69 -16.18
CA ASP B 19 1.09 -24.10 -16.16
C ASP B 19 1.97 -24.86 -15.14
N SER B 20 1.37 -25.84 -14.44
CA SER B 20 2.05 -26.64 -13.42
C SER B 20 3.26 -27.37 -13.97
N SER B 21 3.16 -27.83 -15.23
CA SER B 21 4.26 -28.54 -15.87
C SER B 21 5.43 -27.63 -16.20
N PHE B 22 5.18 -26.34 -16.45
CA PHE B 22 6.22 -25.35 -16.71
C PHE B 22 6.89 -24.94 -15.40
N LEU B 23 6.07 -24.74 -14.35
CA LEU B 23 6.53 -24.38 -13.01
C LEU B 23 7.57 -25.39 -12.50
N GLN B 24 7.30 -26.71 -12.69
CA GLN B 24 8.18 -27.80 -12.29
C GLN B 24 9.56 -27.74 -12.91
N GLN B 25 9.68 -27.13 -14.09
CA GLN B 25 10.95 -27.04 -14.77
C GLN B 25 11.91 -26.01 -14.15
N HIS B 26 11.45 -25.18 -13.20
CA HIS B 26 12.30 -24.14 -12.62
C HIS B 26 12.74 -24.39 -11.18
N LYS B 27 13.90 -23.83 -10.85
CA LYS B 27 14.45 -23.89 -9.49
C LYS B 27 13.56 -23.08 -8.54
N LYS B 28 13.63 -23.37 -7.22
CA LYS B 28 12.87 -22.67 -6.20
C LYS B 28 13.17 -21.16 -6.21
N GLU B 29 14.42 -20.79 -6.38
CA GLU B 29 14.84 -19.40 -6.39
C GLU B 29 14.26 -18.56 -7.54
N VAL B 30 14.17 -19.16 -8.75
CA VAL B 30 13.59 -18.51 -9.92
C VAL B 30 12.10 -18.33 -9.73
N MET B 31 11.42 -19.33 -9.13
CA MET B 31 10.01 -19.23 -8.83
C MET B 31 9.75 -18.04 -7.86
N LYS B 32 10.61 -17.86 -6.85
CA LYS B 32 10.47 -16.75 -5.90
C LYS B 32 10.72 -15.38 -6.56
N GLN B 33 11.74 -15.28 -7.42
CA GLN B 33 12.05 -14.04 -8.14
C GLN B 33 10.86 -13.66 -9.05
N GLN B 34 10.30 -14.66 -9.74
CA GLN B 34 9.19 -14.42 -10.66
C GLN B 34 7.90 -14.05 -9.97
N ASP B 35 7.68 -14.62 -8.79
CA ASP B 35 6.53 -14.31 -7.96
C ASP B 35 6.53 -12.82 -7.59
N VAL B 36 7.70 -12.27 -7.23
CA VAL B 36 7.78 -10.86 -6.86
C VAL B 36 7.70 -9.94 -8.09
N ILE B 37 8.29 -10.33 -9.24
CA ILE B 37 8.21 -9.54 -10.48
C ILE B 37 6.74 -9.48 -10.94
N TYR B 38 6.02 -10.60 -10.85
CA TYR B 38 4.60 -10.69 -11.19
C TYR B 38 3.79 -9.77 -10.27
N GLU B 39 4.13 -9.73 -8.98
CA GLU B 39 3.43 -8.86 -8.04
C GLU B 39 3.62 -7.37 -8.42
N LEU B 40 4.82 -7.00 -8.82
CA LEU B 40 5.09 -5.64 -9.26
C LEU B 40 4.22 -5.27 -10.50
N ILE B 41 4.13 -6.16 -11.51
CA ILE B 41 3.35 -5.86 -12.71
C ILE B 41 1.84 -5.87 -12.40
N GLN B 42 1.38 -6.86 -11.61
CA GLN B 42 -0.03 -6.94 -11.20
C GLN B 42 -0.46 -5.69 -10.43
N THR B 43 0.39 -5.19 -9.51
CA THR B 43 0.02 -3.98 -8.75
C THR B 43 0.14 -2.70 -9.62
N GLU B 44 0.97 -2.72 -10.66
CA GLU B 44 1.10 -1.58 -11.58
C GLU B 44 -0.16 -1.53 -12.46
N LEU B 45 -0.66 -2.70 -12.91
CA LEU B 45 -1.90 -2.85 -13.67
C LEU B 45 -3.04 -2.28 -12.79
N HIS B 46 -3.10 -2.64 -11.50
CA HIS B 46 -4.12 -2.10 -10.58
C HIS B 46 -3.97 -0.59 -10.42
N HIS B 47 -2.76 -0.07 -10.40
CA HIS B 47 -2.48 1.33 -10.24
C HIS B 47 -2.94 2.13 -11.45
N VAL B 48 -2.63 1.64 -12.68
CA VAL B 48 -3.09 2.26 -13.92
C VAL B 48 -4.64 2.20 -13.99
N ARG B 49 -5.25 1.10 -13.54
CA ARG B 49 -6.72 0.97 -13.44
C ARG B 49 -7.28 2.06 -12.52
N THR B 50 -6.62 2.32 -11.36
CA THR B 50 -7.03 3.37 -10.42
C THR B 50 -7.04 4.75 -11.11
N LEU B 51 -5.96 5.10 -11.84
CA LEU B 51 -5.90 6.39 -12.53
C LEU B 51 -6.95 6.49 -13.65
N LYS B 52 -7.35 5.35 -14.26
CA LYS B 52 -8.39 5.38 -15.29
C LYS B 52 -9.78 5.59 -14.69
N ILE B 53 -10.01 5.11 -13.46
CA ILE B 53 -11.26 5.36 -12.75
C ILE B 53 -11.37 6.88 -12.48
N MET B 54 -10.27 7.51 -12.09
CA MET B 54 -10.24 8.95 -11.82
C MET B 54 -10.45 9.80 -13.06
N THR B 55 -9.81 9.41 -14.20
CA THR B 55 -9.98 10.21 -15.42
C THR B 55 -11.29 9.94 -16.15
N ARG B 56 -11.60 8.69 -16.47
CA ARG B 56 -12.77 8.34 -17.26
C ARG B 56 -14.07 8.34 -16.48
N LEU B 57 -14.05 7.74 -15.29
CA LEU B 57 -15.25 7.64 -14.49
C LEU B 57 -15.59 8.91 -13.70
N PHE B 58 -14.68 9.40 -12.85
CA PHE B 58 -14.97 10.60 -12.04
C PHE B 58 -14.83 11.92 -12.79
N ARG B 59 -13.61 12.25 -13.23
CA ARG B 59 -13.31 13.52 -13.90
C ARG B 59 -14.23 13.76 -15.10
N THR B 60 -14.29 12.78 -16.01
CA THR B 60 -15.06 12.92 -17.21
C THR B 60 -16.57 12.97 -16.90
N GLY B 61 -17.03 12.13 -15.97
CA GLY B 61 -18.44 12.14 -15.58
C GLY B 61 -18.90 13.48 -15.01
N MET B 62 -18.04 14.13 -14.22
CA MET B 62 -18.33 15.44 -13.62
C MET B 62 -18.42 16.53 -14.69
N LEU B 63 -17.59 16.44 -15.73
CA LEU B 63 -17.59 17.43 -16.80
C LEU B 63 -18.79 17.26 -17.71
N GLU B 64 -19.19 16.01 -17.99
CA GLU B 64 -20.25 15.75 -18.95
C GLU B 64 -21.66 15.64 -18.35
N GLU B 65 -21.82 14.98 -17.20
CA GLU B 65 -23.13 14.83 -16.58
C GLU B 65 -23.47 15.97 -15.64
N LEU B 66 -22.51 16.42 -14.84
CA LEU B 66 -22.75 17.52 -13.91
C LEU B 66 -22.50 18.88 -14.53
N HIS B 67 -21.64 18.94 -15.57
CA HIS B 67 -21.23 20.17 -16.22
C HIS B 67 -20.52 21.09 -15.23
N LEU B 68 -19.64 20.50 -14.39
CA LEU B 68 -18.88 21.25 -13.41
C LEU B 68 -17.79 22.10 -14.05
N GLU B 69 -17.49 23.25 -13.43
CA GLU B 69 -16.47 24.18 -13.91
C GLU B 69 -15.10 23.47 -13.99
N PRO B 70 -14.41 23.56 -15.16
CA PRO B 70 -13.12 22.86 -15.33
C PRO B 70 -12.06 23.07 -14.24
N GLY B 71 -12.04 24.25 -13.62
CA GLY B 71 -11.12 24.56 -12.53
C GLY B 71 -11.46 23.85 -11.23
N VAL B 72 -12.75 23.51 -11.04
CA VAL B 72 -13.23 22.76 -9.89
C VAL B 72 -12.78 21.31 -10.04
N VAL B 73 -13.00 20.74 -11.21
CA VAL B 73 -12.63 19.37 -11.52
C VAL B 73 -11.10 19.20 -11.43
N GLN B 74 -10.34 20.22 -11.87
CA GLN B 74 -8.88 20.26 -11.78
C GLN B 74 -8.42 20.23 -10.32
N GLY B 75 -9.09 21.01 -9.47
CA GLY B 75 -8.79 21.08 -8.04
C GLY B 75 -8.99 19.73 -7.37
N LEU B 76 -10.00 18.96 -7.82
CA LEU B 76 -10.31 17.65 -7.29
C LEU B 76 -9.32 16.57 -7.73
N PHE B 77 -8.92 16.59 -9.00
CA PHE B 77 -8.04 15.57 -9.58
C PHE B 77 -6.76 16.22 -10.11
N PRO B 78 -5.88 16.77 -9.25
CA PRO B 78 -4.68 17.45 -9.77
C PRO B 78 -3.72 16.47 -10.48
N CYS B 79 -3.08 16.90 -11.59
CA CYS B 79 -2.10 16.15 -12.40
C CYS B 79 -2.54 14.73 -12.81
N VAL B 80 -3.84 14.43 -12.91
CA VAL B 80 -4.28 13.07 -13.24
CA VAL B 80 -4.30 13.08 -13.21
C VAL B 80 -3.92 12.62 -14.65
N ASP B 81 -3.84 13.55 -15.63
CA ASP B 81 -3.46 13.16 -16.98
C ASP B 81 -1.96 12.88 -17.07
N GLU B 82 -1.11 13.69 -16.41
CA GLU B 82 0.33 13.47 -16.39
CA GLU B 82 0.32 13.44 -16.43
C GLU B 82 0.64 12.15 -15.66
N LEU B 83 -0.08 11.90 -14.56
CA LEU B 83 0.12 10.69 -13.77
C LEU B 83 -0.24 9.47 -14.62
N SER B 84 -1.40 9.53 -15.30
CA SER B 84 -1.89 8.48 -16.17
C SER B 84 -0.90 8.19 -17.29
N ASP B 85 -0.31 9.24 -17.86
CA ASP B 85 0.66 9.09 -18.92
C ASP B 85 1.99 8.47 -18.46
N ILE B 86 2.46 8.78 -17.25
CA ILE B 86 3.68 8.17 -16.69
C ILE B 86 3.52 6.65 -16.48
N HIS B 87 2.43 6.23 -15.84
CA HIS B 87 2.25 4.85 -15.48
C HIS B 87 1.72 3.98 -16.62
N THR B 88 0.93 4.50 -17.58
CA THR B 88 0.52 3.71 -18.75
C THR B 88 1.76 3.38 -19.64
N ARG B 89 2.70 4.31 -19.73
CA ARG B 89 3.94 4.09 -20.42
C ARG B 89 4.76 3.02 -19.68
N PHE B 90 4.94 3.14 -18.36
CA PHE B 90 5.69 2.17 -17.54
C PHE B 90 5.05 0.78 -17.64
N LEU B 91 3.71 0.67 -17.44
CA LEU B 91 2.96 -0.58 -17.59
C LEU B 91 3.17 -1.17 -19.00
N SER B 92 3.11 -0.34 -20.07
CA SER B 92 3.33 -0.85 -21.42
CA SER B 92 3.34 -0.85 -21.43
C SER B 92 4.70 -1.55 -21.57
N GLN B 93 5.76 -0.92 -21.08
CA GLN B 93 7.10 -1.51 -21.11
C GLN B 93 7.20 -2.82 -20.27
N LEU B 94 6.51 -2.90 -19.12
CA LEU B 94 6.51 -4.10 -18.31
C LEU B 94 5.77 -5.27 -19.00
N LEU B 95 4.56 -5.01 -19.58
CA LEU B 95 3.83 -6.05 -20.27
C LEU B 95 4.54 -6.46 -21.58
N GLU B 96 5.31 -5.54 -22.23
CA GLU B 96 6.06 -5.91 -23.43
C GLU B 96 7.26 -6.83 -23.07
N ARG B 97 7.86 -6.63 -21.89
CA ARG B 97 8.95 -7.50 -21.45
C ARG B 97 8.41 -8.92 -21.18
N ARG B 98 7.18 -9.01 -20.61
CA ARG B 98 6.48 -10.27 -20.35
C ARG B 98 6.13 -10.94 -21.66
N ARG B 99 5.61 -10.17 -22.62
CA ARG B 99 5.21 -10.69 -23.91
C ARG B 99 6.38 -11.32 -24.67
N GLN B 100 7.53 -10.62 -24.76
CA GLN B 100 8.71 -11.16 -25.45
C GLN B 100 9.21 -12.45 -24.79
N ALA B 101 8.99 -12.61 -23.49
CA ALA B 101 9.45 -13.77 -22.73
C ALA B 101 8.58 -15.00 -22.84
N LEU B 102 7.35 -14.87 -23.36
CA LEU B 102 6.45 -16.01 -23.47
C LEU B 102 7.00 -17.13 -24.36
N CYS B 103 6.79 -18.37 -23.93
CA CYS B 103 7.21 -19.52 -24.70
C CYS B 103 6.36 -19.62 -25.94
N PRO B 104 6.95 -20.03 -27.08
CA PRO B 104 6.12 -20.22 -28.28
C PRO B 104 5.00 -21.22 -28.06
N GLY B 105 3.79 -20.87 -28.51
CA GLY B 105 2.61 -21.71 -28.31
C GLY B 105 1.94 -21.54 -26.95
N SER B 106 2.37 -20.52 -26.17
CA SER B 106 1.77 -20.28 -24.86
C SER B 106 1.43 -18.80 -24.65
N THR B 107 0.33 -18.51 -23.97
CA THR B 107 -0.02 -17.14 -23.60
C THR B 107 0.16 -16.85 -22.11
N ARG B 108 0.74 -17.81 -21.33
CA ARG B 108 0.94 -17.65 -19.89
C ARG B 108 2.32 -18.05 -19.34
N ASN B 109 3.07 -18.93 -20.02
CA ASN B 109 4.36 -19.38 -19.51
C ASN B 109 5.49 -18.45 -19.93
N PHE B 110 6.16 -17.84 -18.96
CA PHE B 110 7.25 -16.91 -19.25
C PHE B 110 8.15 -16.78 -18.03
N VAL B 111 9.38 -16.27 -18.24
CA VAL B 111 10.36 -15.96 -17.19
C VAL B 111 11.03 -14.64 -17.61
N ILE B 112 10.95 -13.59 -16.81
CA ILE B 112 11.61 -12.33 -17.10
C ILE B 112 13.00 -12.36 -16.41
N HIS B 113 14.08 -12.26 -17.20
CA HIS B 113 15.45 -12.33 -16.70
C HIS B 113 16.13 -10.96 -16.61
N ARG B 114 15.61 -9.93 -17.29
N ARG B 114 15.61 -9.92 -17.29
CA ARG B 114 16.29 -8.63 -17.31
CA ARG B 114 16.29 -8.63 -17.31
C ARG B 114 15.43 -7.42 -16.92
C ARG B 114 15.41 -7.43 -16.93
N LEU B 115 14.76 -7.49 -15.75
N LEU B 115 14.78 -7.48 -15.74
CA LEU B 115 13.93 -6.38 -15.28
CA LEU B 115 13.93 -6.38 -15.28
C LEU B 115 14.73 -5.14 -14.90
C LEU B 115 14.73 -5.14 -14.90
N GLY B 116 15.93 -5.34 -14.36
CA GLY B 116 16.79 -4.25 -13.91
C GLY B 116 16.97 -3.07 -14.83
N ASP B 117 17.22 -3.33 -16.12
CA ASP B 117 17.45 -2.28 -17.12
CA ASP B 117 17.45 -2.28 -17.11
C ASP B 117 16.21 -1.44 -17.35
N LEU B 118 15.03 -2.06 -17.31
CA LEU B 118 13.74 -1.37 -17.49
C LEU B 118 13.56 -0.40 -16.27
N LEU B 119 13.86 -0.87 -15.06
CA LEU B 119 13.74 -0.02 -13.87
C LEU B 119 14.73 1.14 -13.88
N ILE B 120 16.00 0.92 -14.35
CA ILE B 120 16.97 2.01 -14.43
C ILE B 120 16.50 3.09 -15.41
N SER B 121 15.94 2.68 -16.55
CA SER B 121 15.44 3.63 -17.55
CA SER B 121 15.44 3.62 -17.54
C SER B 121 14.30 4.48 -16.98
N GLN B 122 13.30 3.84 -16.35
CA GLN B 122 12.15 4.51 -15.77
C GLN B 122 12.52 5.53 -14.68
N PHE B 123 13.42 5.16 -13.76
CA PHE B 123 13.77 6.02 -12.65
C PHE B 123 15.06 6.84 -12.88
N SER B 124 15.35 7.18 -14.15
CA SER B 124 16.47 8.05 -14.50
C SER B 124 16.09 8.96 -15.70
N GLY B 125 16.92 9.98 -15.99
CA GLY B 125 16.69 10.92 -17.09
C GLY B 125 15.36 11.66 -17.05
N PRO B 126 14.84 11.99 -18.25
CA PRO B 126 13.57 12.72 -18.33
C PRO B 126 12.38 12.08 -17.65
N SER B 127 12.25 10.73 -17.68
CA SER B 127 11.11 10.09 -17.05
C SER B 127 11.12 10.23 -15.52
N ALA B 128 12.31 10.23 -14.90
CA ALA B 128 12.45 10.45 -13.47
C ALA B 128 12.16 11.93 -13.15
N GLU B 129 12.60 12.86 -14.02
CA GLU B 129 12.33 14.27 -13.78
C GLU B 129 10.82 14.54 -13.86
N GLN B 130 10.12 13.86 -14.77
CA GLN B 130 8.69 14.04 -14.90
CA GLN B 130 8.68 13.98 -14.95
C GLN B 130 7.94 13.42 -13.72
N MET B 131 8.37 12.24 -13.19
CA MET B 131 7.72 11.63 -12.01
C MET B 131 7.91 12.51 -10.81
N CYS B 132 9.13 13.04 -10.61
CA CYS B 132 9.46 13.89 -9.49
C CYS B 132 8.62 15.16 -9.50
N LYS B 133 8.56 15.82 -10.66
CA LYS B 133 7.78 17.05 -10.80
C LYS B 133 6.28 16.78 -10.60
N THR B 134 5.76 15.69 -11.19
CA THR B 134 4.34 15.35 -11.10
C THR B 134 3.87 14.97 -9.68
N TYR B 135 4.65 14.13 -8.96
CA TYR B 135 4.27 13.72 -7.62
C TYR B 135 4.45 14.85 -6.62
N SER B 136 5.46 15.71 -6.81
CA SER B 136 5.66 16.87 -5.94
C SER B 136 4.46 17.82 -6.05
N GLU B 137 3.86 17.95 -7.26
CA GLU B 137 2.70 18.81 -7.46
CA GLU B 137 2.70 18.81 -7.43
C GLU B 137 1.44 18.12 -6.91
N PHE B 138 1.24 16.84 -7.26
CA PHE B 138 0.08 16.07 -6.81
C PHE B 138 -0.02 15.98 -5.27
N CYS B 139 1.08 15.62 -4.64
CA CYS B 139 1.14 15.44 -3.21
C CYS B 139 0.99 16.76 -2.45
N SER B 140 1.50 17.86 -3.01
CA SER B 140 1.35 19.19 -2.43
C SER B 140 -0.10 19.70 -2.50
N ARG B 141 -0.93 19.13 -3.39
CA ARG B 141 -2.34 19.48 -3.58
C ARG B 141 -3.33 18.47 -2.99
N HIS B 142 -2.82 17.43 -2.31
CA HIS B 142 -3.59 16.35 -1.72
C HIS B 142 -4.65 16.84 -0.76
N SER B 143 -4.26 17.64 0.23
CA SER B 143 -5.18 18.15 1.23
CA SER B 143 -5.16 18.17 1.24
C SER B 143 -6.20 19.12 0.64
N LYS B 144 -5.78 19.95 -0.32
CA LYS B 144 -6.68 20.90 -0.96
C LYS B 144 -7.78 20.14 -1.73
N ALA B 145 -7.39 19.04 -2.41
CA ALA B 145 -8.30 18.16 -3.15
C ALA B 145 -9.36 17.51 -2.24
N LEU B 146 -8.95 16.96 -1.08
CA LEU B 146 -9.89 16.32 -0.14
C LEU B 146 -10.86 17.32 0.46
N LYS B 147 -10.38 18.53 0.74
CA LYS B 147 -11.22 19.58 1.28
C LYS B 147 -12.28 20.02 0.26
N LEU B 148 -11.87 20.19 -0.99
CA LEU B 148 -12.79 20.57 -2.05
C LEU B 148 -13.85 19.48 -2.28
N TYR B 149 -13.44 18.21 -2.19
CA TYR B 149 -14.35 17.10 -2.34
C TYR B 149 -15.39 17.09 -1.23
N LYS B 150 -14.95 17.20 0.04
CA LYS B 150 -15.86 17.17 1.17
C LYS B 150 -16.86 18.33 1.11
N GLU B 151 -16.41 19.52 0.73
CA GLU B 151 -17.26 20.69 0.59
CA GLU B 151 -17.30 20.67 0.60
C GLU B 151 -18.37 20.42 -0.44
N LEU B 152 -18.01 19.98 -1.66
CA LEU B 152 -18.95 19.68 -2.74
C LEU B 152 -19.97 18.59 -2.36
N TYR B 153 -19.48 17.51 -1.75
CA TYR B 153 -20.34 16.41 -1.31
C TYR B 153 -21.34 16.87 -0.25
N ALA B 154 -20.95 17.80 0.63
CA ALA B 154 -21.85 18.27 1.69
C ALA B 154 -22.74 19.46 1.30
N ARG B 155 -22.45 20.16 0.20
CA ARG B 155 -23.25 21.32 -0.18
CA ARG B 155 -23.19 21.35 -0.23
C ARG B 155 -24.06 21.13 -1.48
N ASP B 156 -23.64 20.24 -2.40
CA ASP B 156 -24.38 20.00 -3.65
C ASP B 156 -25.03 18.62 -3.72
N LYS B 157 -26.38 18.58 -3.87
CA LYS B 157 -27.20 17.37 -3.96
C LYS B 157 -26.94 16.58 -5.27
N ARG B 158 -26.77 17.27 -6.40
CA ARG B 158 -26.49 16.63 -7.68
C ARG B 158 -25.12 15.94 -7.69
N PHE B 159 -24.14 16.52 -6.97
CA PHE B 159 -22.80 15.93 -6.87
C PHE B 159 -22.86 14.64 -6.04
N GLN B 160 -23.64 14.65 -4.94
CA GLN B 160 -23.84 13.52 -4.04
C GLN B 160 -24.51 12.34 -4.77
N GLN B 161 -25.57 12.61 -5.57
CA GLN B 161 -26.23 11.58 -6.37
C GLN B 161 -25.23 11.01 -7.40
N PHE B 162 -24.43 11.88 -8.01
CA PHE B 162 -23.44 11.43 -8.98
C PHE B 162 -22.44 10.46 -8.35
N ILE B 163 -21.90 10.83 -7.19
CA ILE B 163 -20.94 10.01 -6.47
C ILE B 163 -21.55 8.67 -6.04
N ARG B 164 -22.75 8.71 -5.44
CA ARG B 164 -23.46 7.51 -5.02
C ARG B 164 -23.77 6.60 -6.21
N LYS B 165 -24.06 7.18 -7.37
CA LYS B 165 -24.33 6.41 -8.58
C LYS B 165 -23.10 5.71 -9.15
N VAL B 166 -22.01 6.45 -9.38
CA VAL B 166 -20.82 5.88 -10.00
C VAL B 166 -20.04 4.98 -9.07
N THR B 167 -20.13 5.17 -7.74
CA THR B 167 -19.39 4.29 -6.83
C THR B 167 -20.23 3.12 -6.28
N ARG B 168 -21.47 2.94 -6.78
CA ARG B 168 -22.37 1.88 -6.35
C ARG B 168 -21.94 0.44 -6.73
N PRO B 169 -21.38 0.17 -7.94
CA PRO B 169 -20.99 -1.19 -8.27
C PRO B 169 -19.93 -1.79 -7.36
N ALA B 170 -20.03 -3.11 -7.09
CA ALA B 170 -19.06 -3.83 -6.25
C ALA B 170 -17.61 -3.68 -6.73
N VAL B 171 -17.38 -3.56 -8.04
CA VAL B 171 -16.03 -3.38 -8.56
C VAL B 171 -15.41 -2.03 -8.20
N LEU B 172 -16.18 -1.11 -7.62
CA LEU B 172 -15.71 0.19 -7.18
C LEU B 172 -15.63 0.28 -5.62
N LYS B 173 -15.80 -0.85 -4.90
CA LYS B 173 -15.82 -0.89 -3.43
C LYS B 173 -14.63 -0.19 -2.75
N ARG B 174 -13.40 -0.41 -3.27
CA ARG B 174 -12.20 0.23 -2.72
C ARG B 174 -11.82 1.50 -3.48
N HIS B 175 -12.65 1.95 -4.45
CA HIS B 175 -12.22 3.01 -5.33
C HIS B 175 -13.08 4.25 -5.33
N GLY B 176 -13.38 4.78 -4.15
CA GLY B 176 -14.05 6.06 -4.06
C GLY B 176 -13.05 7.16 -4.42
N VAL B 177 -13.50 8.43 -4.48
CA VAL B 177 -12.62 9.54 -4.85
C VAL B 177 -11.40 9.69 -3.94
N GLN B 178 -11.60 9.79 -2.63
CA GLN B 178 -10.50 9.97 -1.66
C GLN B 178 -9.61 8.73 -1.59
N GLU B 179 -10.20 7.53 -1.77
CA GLU B 179 -9.48 6.26 -1.73
C GLU B 179 -8.49 6.21 -2.92
N CYS B 180 -8.95 6.61 -4.11
CA CYS B 180 -8.14 6.69 -5.32
C CYS B 180 -6.96 7.63 -5.14
N ILE B 181 -7.20 8.80 -4.51
CA ILE B 181 -6.12 9.74 -4.28
C ILE B 181 -5.05 9.15 -3.36
N LEU B 182 -5.45 8.50 -2.26
CA LEU B 182 -4.47 7.88 -1.36
C LEU B 182 -3.78 6.67 -1.99
N LEU B 183 -4.49 5.92 -2.84
CA LEU B 183 -3.87 4.80 -3.57
C LEU B 183 -2.68 5.28 -4.43
N VAL B 184 -2.88 6.41 -5.14
CA VAL B 184 -1.87 7.00 -6.05
C VAL B 184 -0.68 7.53 -5.28
N THR B 185 -0.96 8.24 -4.17
CA THR B 185 0.09 8.80 -3.30
C THR B 185 0.96 7.68 -2.72
N GLN B 186 0.32 6.60 -2.25
CA GLN B 186 1.05 5.49 -1.67
C GLN B 186 1.81 4.66 -2.69
N ARG B 187 1.44 4.73 -3.97
CA ARG B 187 2.13 3.91 -5.00
C ARG B 187 3.66 4.07 -5.03
N ILE B 188 4.17 5.30 -5.11
CA ILE B 188 5.60 5.53 -5.22
C ILE B 188 6.41 4.87 -4.08
N THR B 189 5.90 4.90 -2.86
CA THR B 189 6.61 4.29 -1.72
C THR B 189 6.53 2.75 -1.69
N LYS B 190 5.79 2.12 -2.62
CA LYS B 190 5.74 0.66 -2.71
C LYS B 190 6.92 0.10 -3.49
N TYR B 191 7.46 0.86 -4.45
CA TYR B 191 8.54 0.41 -5.34
C TYR B 191 9.83 -0.10 -4.64
N PRO B 192 10.40 0.59 -3.64
CA PRO B 192 11.64 0.09 -3.01
C PRO B 192 11.45 -1.28 -2.36
N LEU B 193 10.30 -1.53 -1.72
CA LEU B 193 10.00 -2.81 -1.08
CA LEU B 193 10.09 -2.82 -1.08
C LEU B 193 9.94 -3.95 -2.13
N LEU B 194 9.30 -3.67 -3.27
CA LEU B 194 9.17 -4.65 -4.35
C LEU B 194 10.54 -4.91 -5.02
N ILE B 195 11.27 -3.85 -5.37
CA ILE B 195 12.58 -4.00 -5.98
C ILE B 195 13.56 -4.74 -5.06
N SER B 196 13.59 -4.43 -3.75
CA SER B 196 14.48 -5.09 -2.80
CA SER B 196 14.50 -5.10 -2.83
CA SER B 196 14.48 -5.09 -2.81
C SER B 196 14.21 -6.59 -2.69
N ARG B 197 12.92 -7.00 -2.74
CA ARG B 197 12.60 -8.43 -2.62
C ARG B 197 12.96 -9.16 -3.94
N ILE B 198 12.85 -8.46 -5.10
CA ILE B 198 13.28 -9.01 -6.39
C ILE B 198 14.82 -9.21 -6.34
N LEU B 199 15.54 -8.20 -5.83
CA LEU B 199 16.98 -8.22 -5.65
C LEU B 199 17.44 -9.37 -4.75
N GLN B 200 16.69 -9.67 -3.69
CA GLN B 200 16.99 -10.76 -2.76
C GLN B 200 17.01 -12.14 -3.44
N HIS B 201 16.24 -12.30 -4.54
CA HIS B 201 16.16 -13.55 -5.27
C HIS B 201 16.82 -13.46 -6.66
N SER B 202 17.69 -12.48 -6.87
CA SER B 202 18.31 -12.25 -8.16
C SER B 202 19.82 -12.26 -8.03
N HIS B 203 20.37 -13.24 -7.31
CA HIS B 203 21.83 -13.33 -7.16
C HIS B 203 22.52 -14.25 -8.19
N GLY B 204 21.75 -14.94 -9.03
CA GLY B 204 22.24 -15.85 -10.03
C GLY B 204 23.11 -15.24 -11.12
N ILE B 205 22.72 -14.07 -11.62
CA ILE B 205 23.48 -13.38 -12.66
CA ILE B 205 23.48 -13.37 -12.65
C ILE B 205 23.97 -12.05 -12.07
N GLU B 206 25.30 -11.87 -11.95
CA GLU B 206 25.86 -10.66 -11.34
C GLU B 206 25.36 -9.36 -12.00
N GLU B 207 25.30 -9.30 -13.34
CA GLU B 207 24.77 -8.13 -14.05
C GLU B 207 23.36 -7.72 -13.57
N GLU B 208 22.49 -8.72 -13.30
CA GLU B 208 21.13 -8.44 -12.85
C GLU B 208 21.09 -7.89 -11.44
N ARG B 209 21.94 -8.44 -10.57
CA ARG B 209 22.06 -8.00 -9.19
C ARG B 209 22.56 -6.54 -9.15
N GLN B 210 23.48 -6.17 -10.05
CA GLN B 210 23.99 -4.81 -10.12
C GLN B 210 22.94 -3.85 -10.67
N ASP B 211 22.22 -4.25 -11.74
CA ASP B 211 21.17 -3.40 -12.31
C ASP B 211 20.06 -3.09 -11.29
N LEU B 212 19.60 -4.11 -10.57
CA LEU B 212 18.55 -3.95 -9.56
C LEU B 212 19.01 -3.10 -8.37
N THR B 213 20.33 -3.13 -8.05
CA THR B 213 20.94 -2.36 -6.99
C THR B 213 20.93 -0.88 -7.42
N THR B 214 21.33 -0.60 -8.68
CA THR B 214 21.31 0.76 -9.21
C THR B 214 19.86 1.30 -9.19
N ALA B 215 18.90 0.50 -9.68
CA ALA B 215 17.47 0.85 -9.75
C ALA B 215 16.91 1.17 -8.37
N LEU B 216 17.29 0.39 -7.34
CA LEU B 216 16.82 0.62 -5.98
C LEU B 216 17.25 2.01 -5.49
N GLY B 217 18.50 2.39 -5.73
CA GLY B 217 19.03 3.70 -5.39
C GLY B 217 18.38 4.85 -6.14
N LEU B 218 18.06 4.66 -7.42
CA LEU B 218 17.39 5.68 -8.22
C LEU B 218 15.94 5.94 -7.72
N VAL B 219 15.26 4.88 -7.25
CA VAL B 219 13.92 4.99 -6.69
C VAL B 219 13.97 5.78 -5.37
N LYS B 220 14.94 5.43 -4.50
CA LYS B 220 15.11 6.11 -3.23
C LYS B 220 15.48 7.57 -3.43
N GLU B 221 16.32 7.90 -4.44
CA GLU B 221 16.70 9.28 -4.73
CA GLU B 221 16.68 9.29 -4.69
C GLU B 221 15.44 10.05 -5.12
N LEU B 222 14.63 9.47 -6.02
CA LEU B 222 13.39 10.05 -6.50
C LEU B 222 12.45 10.34 -5.31
N LEU B 223 12.24 9.35 -4.43
CA LEU B 223 11.37 9.49 -3.28
C LEU B 223 11.85 10.62 -2.38
N SER B 224 13.17 10.70 -2.15
CA SER B 224 13.74 11.76 -1.33
CA SER B 224 13.75 11.75 -1.33
C SER B 224 13.51 13.15 -1.96
N ASN B 225 13.59 13.26 -3.29
CA ASN B 225 13.36 14.55 -3.97
C ASN B 225 11.90 14.95 -3.92
N VAL B 226 10.99 13.99 -4.08
CA VAL B 226 9.55 14.24 -3.99
C VAL B 226 9.22 14.69 -2.56
N ASP B 227 9.69 13.91 -1.56
CA ASP B 227 9.47 14.21 -0.15
C ASP B 227 9.91 15.63 0.22
N GLU B 228 11.05 16.06 -0.31
CA GLU B 228 11.61 17.37 -0.03
C GLU B 228 10.96 18.52 -0.80
N GLY B 229 10.25 18.23 -1.88
CA GLY B 229 9.57 19.27 -2.64
C GLY B 229 8.09 19.43 -2.34
N ILE B 230 7.60 18.75 -1.29
CA ILE B 230 6.20 18.79 -0.84
C ILE B 230 5.93 19.86 0.22
N TYR B 231 4.86 20.63 0.03
CA TYR B 231 4.33 21.56 1.00
C TYR B 231 2.80 21.63 0.76
N GLN B 232 1.97 21.29 1.76
CA GLN B 232 0.53 21.31 1.58
C GLN B 232 -0.04 22.69 1.31
N LEU B 233 -0.61 22.87 0.13
CA LEU B 233 -1.23 24.13 -0.25
C LEU B 233 -2.54 24.26 0.55
N GLU B 234 -2.97 25.50 0.80
CA GLU B 234 -4.20 25.72 1.55
C GLU B 234 -5.04 26.86 0.99
N LYS B 235 -6.28 26.57 0.58
CA LYS B 235 -7.19 27.60 0.08
C LYS B 235 -8.18 28.04 1.18
#